data_4ZKF
#
_entry.id   4ZKF
#
_cell.length_a   45.817
_cell.length_b   99.840
_cell.length_c   104.690
_cell.angle_alpha   90.000
_cell.angle_beta   90.000
_cell.angle_gamma   90.000
#
_symmetry.space_group_name_H-M   'P 21 21 21'
#
loop_
_entity.id
_entity.type
_entity.pdbx_description
1 polymer "2',5'-phosphodiesterase 12"
2 non-polymer 'MAGNESIUM ION'
3 water water
#
_entity_poly.entity_id   1
_entity_poly.type   'polypeptide(L)'
_entity_poly.pdbx_seq_one_letter_code
;GIDPFTKYKVERNPPAFTELQLPRYIMAGFPVCPKLSLEFGDPASSLFRWYKEAKPGAAEPEVGVPSSLSPSSPSSSWTE
TDVEERVYTPSNADIGLRLKLHCTPGDGQRFGHSRELESVCVVEAGPGTCTFDHRHLYTKKVTEDALIRTVSYNILADTY
AQTEFSRTVLYPYCAPYALELDYRQNLIQKELTGYNADVICLQEVDRAVFSDSLVPALEAFGLEGVFRIKQHEGLATFYR
KSKFSLLSQHDISFYEALESDPLHKELLEKLVLYPSAQEKVLQRSSVLQVSVLQSTKDSSKRICVANTHLYWHPKGGYIR
LIQMAVALAHIRHVSCDLYPGIPVIFCGDFNSTPSTGMYHFVINGSIPEDHEDWASNGEEERCNMSLTHFFKLKSACGEP
AYTNYVGGFHGCLDYIFIDLNALEVEQVIPLPSHEEVTTHQALPSVSHPSDHIALVCDLKWK
;
_entity_poly.pdbx_strand_id   A
#
loop_
_chem_comp.id
_chem_comp.type
_chem_comp.name
_chem_comp.formula
MG non-polymer 'MAGNESIUM ION' 'Mg 2'
#
# COMPACT_ATOMS: atom_id res chain seq x y z
N GLY A 1 -31.90 9.35 30.45
CA GLY A 1 -32.43 10.47 31.22
C GLY A 1 -31.40 11.57 31.46
N ILE A 2 -31.77 12.58 32.22
CA ILE A 2 -30.87 13.69 32.50
C ILE A 2 -29.86 13.27 33.57
N ASP A 3 -28.57 13.55 33.33
CA ASP A 3 -27.54 13.38 34.34
C ASP A 3 -27.61 14.55 35.33
N PRO A 4 -28.01 14.28 36.58
CA PRO A 4 -28.20 15.40 37.52
C PRO A 4 -26.89 16.00 38.05
N PHE A 5 -25.75 15.43 37.66
CA PHE A 5 -24.47 15.89 38.18
C PHE A 5 -23.69 16.77 37.21
N THR A 6 -24.27 17.07 36.05
CA THR A 6 -23.55 17.89 35.07
C THR A 6 -23.23 19.30 35.59
N LYS A 7 -24.07 19.89 36.42
CA LYS A 7 -23.73 21.18 37.01
C LYS A 7 -22.48 21.15 37.90
N TYR A 8 -22.16 19.99 38.46
CA TYR A 8 -20.98 19.84 39.32
C TYR A 8 -19.71 19.43 38.60
N LYS A 9 -19.85 19.10 37.33
CA LYS A 9 -18.90 18.24 36.64
C LYS A 9 -18.41 18.82 35.33
N VAL A 10 -17.10 18.73 35.08
CA VAL A 10 -16.61 18.82 33.71
C VAL A 10 -16.63 17.40 33.21
N GLU A 11 -17.31 17.13 32.10
CA GLU A 11 -17.43 15.73 31.72
C GLU A 11 -16.82 15.38 30.37
N ARG A 12 -16.39 14.12 30.32
CA ARG A 12 -15.72 13.49 29.20
C ARG A 12 -16.45 13.58 27.87
N ASN A 13 -15.69 13.72 26.79
CA ASN A 13 -16.22 13.37 25.49
C ASN A 13 -16.31 11.84 25.47
N PRO A 14 -17.53 11.31 25.31
CA PRO A 14 -17.64 9.85 25.35
C PRO A 14 -17.11 9.23 24.06
N PRO A 15 -16.78 7.94 24.10
CA PRO A 15 -16.41 7.28 22.84
C PRO A 15 -17.53 7.49 21.83
N ALA A 16 -17.18 7.78 20.59
CA ALA A 16 -18.18 7.99 19.55
C ALA A 16 -17.61 7.73 18.17
N PHE A 17 -18.41 7.10 17.30
CA PHE A 17 -18.01 6.87 15.91
C PHE A 17 -18.21 8.14 15.09
N THR A 18 -17.17 8.57 14.37
CA THR A 18 -17.25 9.83 13.60
C THR A 18 -17.20 9.57 12.10
N GLU A 19 -16.85 8.36 11.71
CA GLU A 19 -17.19 7.86 10.40
C GLU A 19 -17.60 6.41 10.59
N LEU A 20 -18.65 6.02 9.87
CA LEU A 20 -19.07 4.63 9.82
C LEU A 20 -19.45 4.35 8.39
N GLN A 21 -18.67 3.53 7.70
CA GLN A 21 -19.01 3.19 6.32
C GLN A 21 -18.79 1.71 6.08
N LEU A 22 -19.68 1.11 5.29
CA LEU A 22 -19.47 -0.24 4.78
C LEU A 22 -18.95 -0.15 3.37
N PRO A 23 -18.22 -1.19 2.93
CA PRO A 23 -17.78 -1.25 1.54
C PRO A 23 -18.97 -1.23 0.58
N ARG A 24 -18.76 -0.72 -0.62
CA ARG A 24 -19.84 -0.66 -1.60
C ARG A 24 -19.84 -1.90 -2.46
N TYR A 25 -18.88 -2.78 -2.18
CA TYR A 25 -18.76 -4.02 -2.93
C TYR A 25 -18.37 -5.14 -1.97
N ILE A 26 -19.13 -6.23 -1.97
CA ILE A 26 -18.95 -7.32 -1.02
C ILE A 26 -18.99 -8.67 -1.74
N MET A 27 -18.05 -9.55 -1.41
CA MET A 27 -17.94 -10.85 -2.10
C MET A 27 -17.68 -11.99 -1.12
N ALA A 28 -18.29 -13.14 -1.40
CA ALA A 28 -18.04 -14.35 -0.63
C ALA A 28 -16.54 -14.67 -0.57
N GLY A 29 -16.04 -14.92 0.63
CA GLY A 29 -14.64 -15.31 0.80
C GLY A 29 -13.67 -14.14 0.93
N PHE A 30 -14.21 -12.92 0.85
CA PHE A 30 -13.39 -11.71 0.97
C PHE A 30 -13.81 -10.89 2.18
N PRO A 31 -12.84 -10.40 2.97
CA PRO A 31 -13.21 -9.68 4.20
C PRO A 31 -13.95 -8.38 3.94
N VAL A 32 -15.00 -8.15 4.73
CA VAL A 32 -15.73 -6.88 4.70
C VAL A 32 -15.14 -6.03 5.81
N CYS A 33 -14.46 -4.95 5.43
CA CYS A 33 -13.69 -4.15 6.38
C CYS A 33 -14.32 -2.78 6.55
N PRO A 34 -15.11 -2.60 7.63
CA PRO A 34 -15.80 -1.33 7.82
C PRO A 34 -14.83 -0.18 8.10
N LYS A 35 -15.11 1.00 7.57
CA LYS A 35 -14.39 2.20 7.94
C LYS A 35 -15.00 2.73 9.23
N LEU A 36 -14.16 2.83 10.26
CA LEU A 36 -14.58 3.39 11.54
C LEU A 36 -13.64 4.52 11.92
N SER A 37 -14.15 5.74 11.94
CA SER A 37 -13.37 6.80 12.55
C SER A 37 -13.92 6.99 13.95
N LEU A 38 -13.10 6.57 14.90
CA LEU A 38 -13.52 6.51 16.27
C LEU A 38 -12.88 7.63 17.07
N GLU A 39 -13.70 8.50 17.64
CA GLU A 39 -13.15 9.54 18.51
C GLU A 39 -13.26 9.10 19.97
N PHE A 40 -12.20 9.39 20.73
CA PHE A 40 -12.19 9.12 22.17
C PHE A 40 -12.49 7.66 22.47
N GLY A 41 -11.98 6.78 21.62
CA GLY A 41 -12.12 5.35 21.83
C GLY A 41 -11.23 4.62 20.86
N ASP A 42 -11.26 3.29 20.92
CA ASP A 42 -10.51 2.51 19.94
C ASP A 42 -11.33 1.29 19.49
N PRO A 43 -11.16 0.90 18.22
CA PRO A 43 -11.91 -0.22 17.65
C PRO A 43 -11.73 -1.49 18.47
N ALA A 44 -10.54 -1.65 19.04
CA ALA A 44 -10.24 -2.85 19.82
C ALA A 44 -11.11 -2.98 21.05
N SER A 45 -11.58 -1.85 21.59
CA SER A 45 -12.39 -1.88 22.80
C SER A 45 -13.88 -1.64 22.46
N SER A 46 -14.19 -1.63 21.18
CA SER A 46 -15.56 -1.41 20.74
C SER A 46 -16.26 -2.75 20.51
N LEU A 47 -17.58 -2.71 20.36
CA LEU A 47 -18.39 -3.92 20.18
C LEU A 47 -18.94 -3.98 18.77
N PHE A 48 -18.92 -5.15 18.15
CA PHE A 48 -19.46 -5.30 16.80
C PHE A 48 -20.40 -6.48 16.74
N ARG A 49 -21.49 -6.33 15.99
CA ARG A 49 -22.41 -7.43 15.75
C ARG A 49 -22.93 -7.37 14.32
N TRP A 50 -22.72 -8.44 13.57
CA TRP A 50 -23.11 -8.49 12.17
C TRP A 50 -24.43 -9.20 11.98
N TYR A 51 -25.27 -8.63 11.13
CA TYR A 51 -26.53 -9.21 10.72
C TYR A 51 -26.51 -9.45 9.22
N LYS A 52 -27.31 -10.42 8.77
CA LYS A 52 -27.50 -10.63 7.34
C LYS A 52 -28.98 -10.69 7.03
N GLU A 53 -29.32 -10.34 5.80
CA GLU A 53 -30.71 -10.37 5.36
C GLU A 53 -31.31 -11.76 5.58
N ALA A 54 -32.55 -11.81 6.02
CA ALA A 54 -33.22 -13.08 6.32
C ALA A 54 -33.23 -13.99 5.08
N LYS A 55 -33.50 -13.38 3.93
CA LYS A 55 -33.38 -14.06 2.64
C LYS A 55 -33.32 -12.97 1.59
N PRO A 56 -32.95 -13.31 0.34
CA PRO A 56 -32.76 -12.25 -0.65
C PRO A 56 -33.99 -11.36 -0.86
N GLY A 57 -33.80 -10.05 -0.75
CA GLY A 57 -34.86 -9.08 -0.93
C GLY A 57 -35.74 -8.86 0.29
N ALA A 58 -35.48 -9.60 1.37
CA ALA A 58 -36.36 -9.54 2.55
C ALA A 58 -36.37 -8.17 3.22
N ALA A 59 -35.29 -7.41 3.07
CA ALA A 59 -35.15 -6.14 3.77
C ALA A 59 -35.40 -4.98 2.83
N GLU A 60 -36.65 -4.58 2.70
CA GLU A 60 -37.03 -3.50 1.81
C GLU A 60 -36.73 -2.17 2.47
N PRO A 61 -35.97 -1.31 1.77
CA PRO A 61 -35.56 -0.03 2.37
C PRO A 61 -36.72 0.95 2.53
N GLU A 62 -36.74 1.65 3.66
CA GLU A 62 -37.76 2.65 3.94
C GLU A 62 -37.68 3.79 2.92
N VAL A 63 -38.80 4.06 2.25
CA VAL A 63 -38.80 5.03 1.14
C VAL A 63 -38.77 6.48 1.60
N GLY A 64 -37.75 7.21 1.16
CA GLY A 64 -37.66 8.65 1.38
C GLY A 64 -37.20 9.04 2.78
N VAL A 65 -37.33 8.12 3.73
CA VAL A 65 -37.00 8.38 5.12
C VAL A 65 -35.48 8.30 5.35
N PRO A 66 -34.92 9.35 5.96
CA PRO A 66 -33.46 9.53 6.10
C PRO A 66 -32.76 8.69 7.16
N SER A 67 -31.57 8.21 6.79
CA SER A 67 -30.52 7.90 7.75
C SER A 67 -29.28 8.63 7.21
N SER A 68 -28.35 8.97 8.08
CA SER A 68 -27.19 9.72 7.62
C SER A 68 -26.06 8.78 7.22
N LEU A 69 -26.32 7.47 7.36
CA LEU A 69 -25.30 6.45 7.14
C LEU A 69 -25.61 5.53 5.97
N SER A 70 -26.88 5.17 5.85
CA SER A 70 -27.25 4.08 4.93
C SER A 70 -28.76 4.05 4.68
N PRO A 71 -29.21 3.15 3.80
CA PRO A 71 -30.65 2.83 3.76
C PRO A 71 -31.11 2.29 5.11
N SER A 72 -32.41 2.37 5.36
CA SER A 72 -32.98 1.84 6.59
C SER A 72 -34.09 0.86 6.24
N SER A 73 -34.17 -0.23 7.00
CA SER A 73 -35.16 -1.26 6.73
C SER A 73 -35.65 -1.86 8.06
N PRO A 74 -36.81 -2.57 8.04
CA PRO A 74 -37.33 -3.18 9.27
C PRO A 74 -36.35 -4.13 9.95
N SER A 75 -36.26 -4.05 11.27
CA SER A 75 -35.40 -4.92 12.05
C SER A 75 -35.71 -6.40 11.87
N SER A 76 -36.97 -6.71 11.57
CA SER A 76 -37.39 -8.11 11.49
C SER A 76 -36.98 -8.76 10.19
N SER A 77 -36.42 -7.97 9.28
CA SER A 77 -35.93 -8.50 8.02
C SER A 77 -34.50 -9.02 8.12
N TRP A 78 -33.94 -8.97 9.32
CA TRP A 78 -32.53 -9.26 9.51
C TRP A 78 -32.32 -10.45 10.45
N THR A 79 -31.29 -11.23 10.19
CA THR A 79 -30.92 -12.36 11.03
C THR A 79 -29.60 -12.07 11.69
N GLU A 80 -29.52 -12.28 13.00
CA GLU A 80 -28.30 -12.10 13.77
C GLU A 80 -27.30 -13.19 13.41
N THR A 81 -26.06 -12.82 13.09
CA THR A 81 -25.04 -13.82 12.82
C THR A 81 -24.19 -14.13 14.06
N ASP A 82 -23.34 -15.12 13.89
CA ASP A 82 -22.33 -15.59 14.85
C ASP A 82 -21.33 -14.49 15.19
N VAL A 83 -21.10 -13.60 14.23
CA VAL A 83 -19.86 -12.86 14.19
C VAL A 83 -19.89 -11.57 15.00
N GLU A 84 -19.00 -11.49 15.97
CA GLU A 84 -18.88 -10.32 16.84
C GLU A 84 -17.53 -9.64 16.64
N GLU A 85 -16.92 -9.88 15.49
CA GLU A 85 -15.63 -9.26 15.14
C GLU A 85 -15.86 -8.06 14.25
N ARG A 86 -14.87 -7.17 14.19
CA ARG A 86 -14.93 -6.01 13.31
C ARG A 86 -15.10 -6.44 11.84
N VAL A 87 -14.34 -7.45 11.46
CA VAL A 87 -14.34 -7.91 10.08
C VAL A 87 -15.26 -9.12 9.91
N TYR A 88 -16.12 -9.05 8.89
CA TYR A 88 -16.98 -10.17 8.55
C TYR A 88 -16.59 -10.74 7.19
N THR A 89 -16.38 -12.04 7.09
CA THR A 89 -16.06 -12.64 5.79
C THR A 89 -17.25 -13.46 5.33
N PRO A 90 -17.95 -13.00 4.28
CA PRO A 90 -19.16 -13.74 3.87
C PRO A 90 -18.82 -15.12 3.32
N SER A 91 -19.80 -16.02 3.36
CA SER A 91 -19.67 -17.35 2.78
C SER A 91 -20.48 -17.42 1.50
N ASN A 92 -20.42 -18.55 0.80
CA ASN A 92 -21.31 -18.75 -0.34
C ASN A 92 -22.76 -18.69 0.08
N ALA A 93 -23.04 -19.15 1.30
CA ALA A 93 -24.42 -19.18 1.80
C ALA A 93 -25.00 -17.75 1.94
N ASP A 94 -24.13 -16.76 1.97
CA ASP A 94 -24.56 -15.36 2.08
C ASP A 94 -24.87 -14.70 0.73
N ILE A 95 -24.59 -15.39 -0.37
CA ILE A 95 -24.78 -14.79 -1.68
C ILE A 95 -26.22 -14.32 -1.89
N GLY A 96 -26.36 -13.09 -2.36
CA GLY A 96 -27.67 -12.50 -2.62
C GLY A 96 -28.23 -11.68 -1.48
N LEU A 97 -27.53 -11.65 -0.35
CA LEU A 97 -27.99 -10.96 0.86
C LEU A 97 -27.26 -9.65 1.13
N ARG A 98 -27.97 -8.67 1.67
CA ARG A 98 -27.32 -7.49 2.22
C ARG A 98 -26.85 -7.80 3.63
N LEU A 99 -25.94 -6.97 4.15
CA LEU A 99 -25.41 -7.11 5.50
C LEU A 99 -25.70 -5.87 6.33
N LYS A 100 -25.75 -6.04 7.64
CA LYS A 100 -25.94 -4.92 8.54
C LYS A 100 -24.94 -5.04 9.69
N LEU A 101 -24.31 -3.92 10.03
CA LEU A 101 -23.38 -3.89 11.15
C LEU A 101 -23.93 -2.99 12.25
N HIS A 102 -23.96 -3.51 13.46
CA HIS A 102 -24.32 -2.76 14.66
C HIS A 102 -23.05 -2.63 15.46
N CYS A 103 -22.67 -1.41 15.81
CA CYS A 103 -21.46 -1.29 16.59
C CYS A 103 -21.56 -0.26 17.70
N THR A 104 -20.84 -0.55 18.77
CA THR A 104 -20.88 0.27 19.98
C THR A 104 -19.47 0.76 20.24
N PRO A 105 -19.27 2.08 20.24
CA PRO A 105 -17.92 2.61 20.45
C PRO A 105 -17.48 2.43 21.89
N GLY A 106 -16.22 2.06 22.10
CA GLY A 106 -15.70 1.89 23.45
C GLY A 106 -14.27 2.37 23.57
N ASP A 107 -13.82 2.63 24.80
CA ASP A 107 -12.43 3.04 25.02
C ASP A 107 -11.70 2.11 25.99
N GLY A 108 -12.36 1.04 26.41
CA GLY A 108 -11.79 0.10 27.35
C GLY A 108 -12.34 0.33 28.75
N GLN A 109 -12.84 1.54 28.98
CA GLN A 109 -13.35 1.92 30.29
C GLN A 109 -14.88 2.04 30.25
N ARG A 110 -15.41 2.60 29.16
CA ARG A 110 -16.85 2.77 29.03
C ARG A 110 -17.27 2.67 27.57
N PHE A 111 -18.57 2.60 27.34
CA PHE A 111 -19.10 2.61 25.97
C PHE A 111 -19.89 3.90 25.69
N GLY A 112 -19.90 4.31 24.43
CA GLY A 112 -20.73 5.41 23.97
C GLY A 112 -21.98 4.88 23.29
N HIS A 113 -22.66 5.72 22.53
CA HIS A 113 -23.91 5.31 21.90
C HIS A 113 -23.68 4.53 20.61
N SER A 114 -24.42 3.43 20.45
CA SER A 114 -24.25 2.57 19.30
C SER A 114 -24.81 3.21 18.03
N ARG A 115 -24.28 2.80 16.89
CA ARG A 115 -24.83 3.18 15.59
C ARG A 115 -24.94 1.92 14.75
N GLU A 116 -25.77 1.94 13.72
CA GLU A 116 -25.89 0.76 12.87
C GLU A 116 -26.06 1.20 11.43
N LEU A 117 -25.62 0.37 10.51
CA LEU A 117 -25.79 0.70 9.11
C LEU A 117 -25.87 -0.56 8.26
N GLU A 118 -26.51 -0.41 7.10
CA GLU A 118 -26.76 -1.51 6.18
C GLU A 118 -25.95 -1.31 4.92
N SER A 119 -25.57 -2.40 4.27
CA SER A 119 -24.89 -2.32 2.99
C SER A 119 -25.89 -1.90 1.92
N VAL A 120 -25.41 -1.30 0.84
CA VAL A 120 -26.29 -0.95 -0.27
C VAL A 120 -26.20 -2.02 -1.33
N CYS A 121 -25.20 -2.89 -1.20
CA CYS A 121 -25.00 -3.98 -2.13
C CYS A 121 -25.32 -5.33 -1.48
N VAL A 122 -25.45 -6.37 -2.30
CA VAL A 122 -25.59 -7.73 -1.80
C VAL A 122 -24.25 -8.46 -1.93
N VAL A 123 -24.09 -9.54 -1.19
CA VAL A 123 -22.92 -10.40 -1.32
C VAL A 123 -22.92 -11.06 -2.71
N GLU A 124 -21.81 -10.91 -3.43
CA GLU A 124 -21.65 -11.58 -4.71
C GLU A 124 -20.70 -12.77 -4.64
N ALA A 125 -20.79 -13.65 -5.62
CA ALA A 125 -19.82 -14.71 -5.75
C ALA A 125 -18.44 -14.11 -5.98
N GLY A 126 -17.42 -14.72 -5.41
CA GLY A 126 -16.06 -14.25 -5.61
C GLY A 126 -15.42 -15.02 -6.73
N PRO A 127 -14.25 -14.56 -7.18
CA PRO A 127 -13.53 -15.27 -8.24
C PRO A 127 -13.19 -16.68 -7.78
N GLY A 128 -13.07 -17.62 -8.71
CA GLY A 128 -12.77 -18.99 -8.33
C GLY A 128 -11.42 -19.14 -7.68
N THR A 129 -10.43 -18.44 -8.23
CA THR A 129 -9.06 -18.49 -7.76
C THR A 129 -8.45 -17.10 -7.86
N CYS A 130 -7.50 -16.80 -6.98
CA CYS A 130 -6.70 -15.58 -7.09
C CYS A 130 -5.24 -15.98 -7.06
N THR A 131 -4.40 -15.20 -7.72
CA THR A 131 -2.98 -15.53 -7.78
C THR A 131 -2.31 -15.53 -6.42
N PHE A 132 -2.89 -14.81 -5.46
CA PHE A 132 -2.27 -14.75 -4.14
C PHE A 132 -2.70 -15.92 -3.24
N ASP A 133 -3.66 -16.73 -3.70
CA ASP A 133 -4.15 -17.85 -2.87
C ASP A 133 -3.02 -18.81 -2.50
N HIS A 134 -2.23 -19.22 -3.48
CA HIS A 134 -1.12 -20.13 -3.21
C HIS A 134 -0.05 -19.43 -2.37
N ARG A 135 0.17 -18.14 -2.61
CA ARG A 135 1.18 -17.39 -1.86
C ARG A 135 0.84 -17.32 -0.37
N HIS A 136 -0.46 -17.19 -0.10
CA HIS A 136 -0.93 -17.09 1.28
C HIS A 136 -0.64 -18.35 2.07
N LEU A 137 -0.39 -19.46 1.38
CA LEU A 137 0.00 -20.68 2.10
C LEU A 137 1.32 -20.50 2.83
N TYR A 138 2.15 -19.56 2.36
CA TYR A 138 3.45 -19.28 3.00
C TYR A 138 3.38 -18.23 4.10
N THR A 139 2.25 -17.55 4.24
CA THR A 139 2.16 -16.37 5.10
C THR A 139 1.01 -16.47 6.07
N LYS A 140 0.72 -17.69 6.52
CA LYS A 140 -0.42 -17.95 7.41
C LYS A 140 -0.34 -17.27 8.78
N LYS A 141 0.87 -16.99 9.24
CA LYS A 141 1.04 -16.42 10.58
C LYS A 141 1.90 -15.18 10.56
N VAL A 142 1.65 -14.28 11.49
CA VAL A 142 2.56 -13.18 11.75
C VAL A 142 3.91 -13.77 12.16
N THR A 143 4.99 -13.17 11.67
CA THR A 143 6.30 -13.75 11.89
C THR A 143 6.82 -13.46 13.30
N GLU A 144 7.77 -14.26 13.74
CA GLU A 144 8.39 -14.07 15.05
C GLU A 144 9.17 -12.76 15.12
N ASP A 145 9.50 -12.32 16.34
CA ASP A 145 10.19 -11.04 16.56
C ASP A 145 11.50 -10.87 15.79
N ALA A 146 12.15 -11.98 15.45
CA ALA A 146 13.44 -11.90 14.80
C ALA A 146 13.31 -11.54 13.32
N LEU A 147 12.08 -11.59 12.82
CA LEU A 147 11.84 -11.41 11.39
C LEU A 147 11.08 -10.13 11.06
N ILE A 148 11.20 -9.70 9.80
CA ILE A 148 10.44 -8.56 9.31
C ILE A 148 9.83 -8.96 7.97
N ARG A 149 8.55 -9.31 7.95
CA ARG A 149 7.93 -9.61 6.66
C ARG A 149 7.60 -8.31 5.94
N THR A 150 8.15 -8.18 4.74
CA THR A 150 8.14 -6.92 3.99
C THR A 150 7.42 -7.11 2.66
N VAL A 151 6.56 -6.16 2.30
CA VAL A 151 5.82 -6.22 1.03
C VAL A 151 6.12 -4.94 0.22
N SER A 152 6.29 -5.08 -1.10
CA SER A 152 6.31 -3.91 -1.98
C SER A 152 5.32 -4.15 -3.10
N TYR A 153 4.46 -3.17 -3.38
CA TYR A 153 3.35 -3.43 -4.31
C TYR A 153 2.83 -2.14 -4.94
N ASN A 154 2.94 -2.07 -6.26
CA ASN A 154 2.28 -1.03 -7.03
C ASN A 154 0.87 -1.53 -7.34
N ILE A 155 -0.13 -0.86 -6.78
CA ILE A 155 -1.49 -1.41 -6.77
C ILE A 155 -2.39 -0.86 -7.89
N LEU A 156 -1.80 -0.13 -8.82
CA LEU A 156 -2.49 0.38 -10.03
C LEU A 156 -3.61 1.38 -9.68
N ALA A 157 -3.30 2.66 -9.87
CA ALA A 157 -4.19 3.73 -9.43
C ALA A 157 -5.44 3.80 -10.30
N ASP A 158 -6.59 3.95 -9.64
CA ASP A 158 -7.84 4.11 -10.34
C ASP A 158 -7.76 5.30 -11.28
N THR A 159 -7.02 6.33 -10.89
CA THR A 159 -6.93 7.52 -11.70
C THR A 159 -6.30 7.21 -13.07
N TYR A 160 -5.55 6.10 -13.16
CA TYR A 160 -4.96 5.67 -14.44
C TYR A 160 -5.69 4.47 -15.06
N ALA A 161 -6.53 3.78 -14.29
CA ALA A 161 -7.21 2.60 -14.83
C ALA A 161 -8.62 2.93 -15.30
N GLN A 162 -9.52 3.20 -14.34
CA GLN A 162 -10.93 3.61 -14.54
C GLN A 162 -11.41 4.00 -15.94
N THR A 163 -10.48 4.46 -16.77
CA THR A 163 -10.75 5.00 -18.09
C THR A 163 -11.36 3.99 -19.06
N GLU A 164 -12.23 4.46 -19.96
CA GLU A 164 -12.59 3.64 -21.11
C GLU A 164 -11.36 3.38 -21.99
N PHE A 165 -10.50 4.37 -22.13
CA PHE A 165 -9.27 4.19 -22.91
C PHE A 165 -8.38 3.10 -22.34
N SER A 166 -8.15 3.15 -21.03
CA SER A 166 -7.31 2.14 -20.39
C SER A 166 -7.96 0.78 -20.57
N ARG A 167 -9.29 0.76 -20.50
CA ARG A 167 -10.05 -0.47 -20.59
C ARG A 167 -9.96 -1.06 -22.00
N THR A 168 -9.90 -0.20 -23.01
CA THR A 168 -9.99 -0.67 -24.39
C THR A 168 -8.63 -0.79 -25.07
N VAL A 169 -7.64 -0.04 -24.58
CA VAL A 169 -6.32 -0.05 -25.22
C VAL A 169 -5.20 -0.71 -24.38
N LEU A 170 -5.09 -0.39 -23.09
CA LEU A 170 -4.02 -0.96 -22.26
C LEU A 170 -4.39 -2.33 -21.69
N TYR A 171 -5.66 -2.46 -21.27
CA TYR A 171 -6.16 -3.68 -20.64
C TYR A 171 -7.36 -4.35 -21.34
N PRO A 172 -7.35 -4.48 -22.68
CA PRO A 172 -8.57 -4.96 -23.34
C PRO A 172 -8.90 -6.43 -23.06
N TYR A 173 -7.89 -7.18 -22.63
CA TYR A 173 -8.05 -8.59 -22.26
C TYR A 173 -8.70 -8.79 -20.89
N CYS A 174 -8.76 -7.74 -20.08
CA CYS A 174 -9.26 -7.87 -18.71
C CYS A 174 -10.77 -7.64 -18.68
N ALA A 175 -11.50 -8.50 -17.97
CA ALA A 175 -12.93 -8.29 -17.78
C ALA A 175 -13.16 -6.88 -17.24
N PRO A 176 -13.98 -6.07 -17.92
CA PRO A 176 -14.21 -4.71 -17.42
C PRO A 176 -14.63 -4.65 -15.95
N TYR A 177 -15.40 -5.62 -15.47
CA TYR A 177 -15.82 -5.56 -14.07
C TYR A 177 -14.62 -5.73 -13.12
N ALA A 178 -13.60 -6.44 -13.58
CA ALA A 178 -12.40 -6.68 -12.76
C ALA A 178 -11.42 -5.52 -12.79
N LEU A 179 -11.68 -4.53 -13.65
CA LEU A 179 -10.88 -3.31 -13.68
C LEU A 179 -11.42 -2.26 -12.72
N GLU A 180 -12.70 -2.40 -12.36
CA GLU A 180 -13.38 -1.49 -11.43
C GLU A 180 -12.67 -1.38 -10.08
N LEU A 181 -12.53 -0.17 -9.57
CA LEU A 181 -11.78 0.06 -8.32
C LEU A 181 -12.31 -0.78 -7.17
N ASP A 182 -13.63 -0.87 -7.02
CA ASP A 182 -14.18 -1.55 -5.86
C ASP A 182 -13.90 -3.04 -5.88
N TYR A 183 -13.91 -3.63 -7.07
CA TYR A 183 -13.51 -5.03 -7.21
C TYR A 183 -12.03 -5.21 -6.88
N ARG A 184 -11.17 -4.40 -7.50
CA ARG A 184 -9.74 -4.54 -7.26
C ARG A 184 -9.38 -4.30 -5.78
N GLN A 185 -10.04 -3.33 -5.15
CA GLN A 185 -9.76 -3.09 -3.74
C GLN A 185 -10.14 -4.27 -2.87
N ASN A 186 -11.22 -4.97 -3.20
CA ASN A 186 -11.60 -6.09 -2.35
C ASN A 186 -10.52 -7.17 -2.46
N LEU A 187 -10.01 -7.39 -3.66
CA LEU A 187 -8.93 -8.36 -3.83
C LEU A 187 -7.67 -7.88 -3.12
N ILE A 188 -7.38 -6.59 -3.21
CA ILE A 188 -6.16 -6.06 -2.61
C ILE A 188 -6.25 -6.15 -1.10
N GLN A 189 -7.44 -5.89 -0.54
CA GLN A 189 -7.59 -6.05 0.90
C GLN A 189 -7.35 -7.50 1.35
N LYS A 190 -7.91 -8.46 0.62
CA LYS A 190 -7.68 -9.86 0.99
C LYS A 190 -6.20 -10.23 0.81
N GLU A 191 -5.61 -9.76 -0.29
CA GLU A 191 -4.23 -10.09 -0.62
C GLU A 191 -3.29 -9.62 0.50
N LEU A 192 -3.39 -8.34 0.84
CA LEU A 192 -2.43 -7.75 1.76
C LEU A 192 -2.66 -8.24 3.17
N THR A 193 -3.91 -8.34 3.61
CA THR A 193 -4.17 -8.83 4.96
C THR A 193 -3.75 -10.28 5.09
N GLY A 194 -3.90 -11.07 4.03
CA GLY A 194 -3.49 -12.47 4.07
C GLY A 194 -1.98 -12.69 4.10
N TYR A 195 -1.21 -11.67 3.73
CA TYR A 195 0.26 -11.78 3.82
C TYR A 195 0.72 -11.68 5.26
N ASN A 196 -0.13 -11.15 6.15
CA ASN A 196 0.22 -11.02 7.57
C ASN A 196 1.61 -10.40 7.75
N ALA A 197 1.79 -9.25 7.10
CA ALA A 197 3.11 -8.63 6.98
C ALA A 197 3.39 -7.63 8.09
N ASP A 198 4.64 -7.18 8.15
CA ASP A 198 5.07 -6.24 9.18
C ASP A 198 5.36 -4.86 8.63
N VAL A 199 5.83 -4.82 7.38
CA VAL A 199 6.13 -3.57 6.70
C VAL A 199 5.57 -3.66 5.29
N ILE A 200 4.67 -2.75 4.92
CA ILE A 200 4.03 -2.82 3.58
C ILE A 200 4.22 -1.48 2.87
N CYS A 201 4.92 -1.51 1.75
CA CYS A 201 5.16 -0.29 0.98
C CYS A 201 4.41 -0.35 -0.31
N LEU A 202 3.57 0.66 -0.56
CA LEU A 202 2.69 0.64 -1.72
C LEU A 202 2.92 1.84 -2.62
N GLN A 203 2.69 1.64 -3.92
CA GLN A 203 2.75 2.72 -4.87
C GLN A 203 1.45 2.79 -5.66
N GLU A 204 1.24 3.93 -6.34
CA GLU A 204 0.01 4.23 -7.07
C GLU A 204 -1.22 4.08 -6.19
N VAL A 205 -1.12 4.64 -4.99
CA VAL A 205 -2.22 4.65 -4.04
C VAL A 205 -3.06 5.93 -4.24
N ASP A 206 -4.31 5.78 -4.68
CA ASP A 206 -5.23 6.94 -4.73
C ASP A 206 -5.45 7.43 -3.30
N ARG A 207 -5.58 8.74 -3.10
CA ARG A 207 -5.87 9.26 -1.76
C ARG A 207 -7.08 8.58 -1.11
N ALA A 208 -8.14 8.37 -1.88
CA ALA A 208 -9.37 7.80 -1.34
C ALA A 208 -9.19 6.31 -1.07
N VAL A 209 -8.32 5.68 -1.83
CA VAL A 209 -8.00 4.26 -1.61
C VAL A 209 -7.28 4.10 -0.26
N PHE A 210 -6.32 4.98 0.00
CA PHE A 210 -5.68 5.00 1.31
C PHE A 210 -6.70 5.13 2.45
N SER A 211 -7.55 6.15 2.37
CA SER A 211 -8.46 6.48 3.47
C SER A 211 -9.60 5.48 3.64
N ASP A 212 -10.16 4.99 2.54
CA ASP A 212 -11.42 4.26 2.59
C ASP A 212 -11.26 2.76 2.46
N SER A 213 -10.11 2.29 1.97
CA SER A 213 -9.94 0.88 1.71
C SER A 213 -8.75 0.30 2.48
N LEU A 214 -7.57 0.89 2.28
CA LEU A 214 -6.35 0.32 2.89
C LEU A 214 -6.31 0.53 4.39
N VAL A 215 -6.58 1.75 4.84
CA VAL A 215 -6.50 2.00 6.28
C VAL A 215 -7.55 1.13 7.03
N PRO A 216 -8.81 1.06 6.57
CA PRO A 216 -9.75 0.23 7.35
C PRO A 216 -9.40 -1.25 7.36
N ALA A 217 -8.96 -1.79 6.24
CA ALA A 217 -8.53 -3.18 6.18
C ALA A 217 -7.31 -3.45 7.05
N LEU A 218 -6.26 -2.67 6.83
CA LEU A 218 -4.98 -2.98 7.47
C LEU A 218 -5.03 -2.64 8.97
N GLU A 219 -5.78 -1.62 9.37
CA GLU A 219 -5.84 -1.36 10.81
C GLU A 219 -6.63 -2.45 11.52
N ALA A 220 -7.58 -3.09 10.84
CA ALA A 220 -8.29 -4.22 11.44
C ALA A 220 -7.35 -5.39 11.73
N PHE A 221 -6.23 -5.45 11.01
CA PHE A 221 -5.28 -6.53 11.15
C PHE A 221 -3.99 -6.06 11.83
N GLY A 222 -4.05 -4.90 12.47
CA GLY A 222 -2.96 -4.49 13.34
C GLY A 222 -1.90 -3.60 12.76
N LEU A 223 -2.13 -3.07 11.56
CA LEU A 223 -1.17 -2.15 10.94
C LEU A 223 -1.66 -0.69 10.88
N GLU A 224 -0.71 0.24 10.99
CA GLU A 224 -0.98 1.67 10.86
C GLU A 224 -0.21 2.19 9.65
N GLY A 225 -0.73 3.21 8.98
CA GLY A 225 -0.09 3.71 7.78
C GLY A 225 0.09 5.21 7.65
N VAL A 226 0.97 5.60 6.74
CA VAL A 226 1.21 6.99 6.40
C VAL A 226 1.19 7.13 4.88
N PHE A 227 0.74 8.29 4.41
CA PHE A 227 0.54 8.51 2.98
C PHE A 227 1.28 9.76 2.53
N ARG A 228 1.86 9.73 1.34
CA ARG A 228 2.46 10.94 0.75
C ARG A 228 2.05 11.05 -0.72
N ILE A 229 1.37 12.13 -1.08
CA ILE A 229 0.93 12.31 -2.45
C ILE A 229 2.10 12.62 -3.40
N LYS A 230 1.95 12.21 -4.66
CA LYS A 230 2.79 12.74 -5.73
C LYS A 230 1.95 13.87 -6.37
N GLN A 231 1.15 13.54 -7.36
CA GLN A 231 0.16 14.48 -7.87
C GLN A 231 -1.25 13.91 -7.87
N HIS A 232 -1.48 12.88 -8.66
CA HIS A 232 -2.81 12.30 -8.80
C HIS A 232 -3.02 11.13 -7.87
N GLU A 233 -1.93 10.66 -7.29
CA GLU A 233 -1.93 9.47 -6.44
C GLU A 233 -0.57 9.49 -5.77
N GLY A 234 -0.29 8.54 -4.88
CA GLY A 234 1.00 8.57 -4.22
C GLY A 234 1.44 7.29 -3.52
N LEU A 235 2.22 7.48 -2.46
CA LEU A 235 2.89 6.39 -1.75
C LEU A 235 2.26 6.14 -0.40
N ALA A 236 2.27 4.87 0.03
CA ALA A 236 1.86 4.56 1.39
C ALA A 236 2.83 3.57 2.03
N THR A 237 3.07 3.72 3.33
CA THR A 237 3.85 2.74 4.11
C THR A 237 3.01 2.34 5.32
N PHE A 238 2.83 1.05 5.52
CA PHE A 238 2.14 0.52 6.71
C PHE A 238 3.11 -0.29 7.56
N TYR A 239 2.91 -0.27 8.88
CA TYR A 239 3.76 -1.05 9.78
C TYR A 239 2.91 -1.74 10.84
N ARG A 240 3.33 -2.92 11.28
CA ARG A 240 2.57 -3.67 12.29
C ARG A 240 2.88 -3.12 13.67
N LYS A 241 1.85 -2.57 14.33
CA LYS A 241 2.03 -1.91 15.62
C LYS A 241 2.59 -2.83 16.69
N SER A 242 2.27 -4.12 16.62
CA SER A 242 2.76 -5.04 17.64
C SER A 242 4.27 -5.27 17.53
N LYS A 243 4.87 -4.89 16.40
CA LYS A 243 6.30 -5.04 16.20
C LYS A 243 7.07 -3.74 16.02
N PHE A 244 6.38 -2.69 15.57
CA PHE A 244 7.06 -1.41 15.33
C PHE A 244 6.23 -0.20 15.74
N SER A 245 6.91 0.88 16.09
CA SER A 245 6.23 2.17 16.17
C SER A 245 6.93 3.15 15.22
N LEU A 246 6.20 4.16 14.78
CA LEU A 246 6.76 5.14 13.86
C LEU A 246 7.58 6.17 14.64
N LEU A 247 8.89 6.18 14.45
CA LEU A 247 9.75 7.08 15.21
C LEU A 247 9.91 8.44 14.53
N SER A 248 10.22 8.44 13.23
CA SER A 248 10.33 9.71 12.52
C SER A 248 10.06 9.57 11.03
N GLN A 249 9.80 10.69 10.36
CA GLN A 249 9.52 10.69 8.92
C GLN A 249 10.41 11.68 8.22
N HIS A 250 10.83 11.35 7.00
CA HIS A 250 11.82 12.18 6.32
C HIS A 250 11.52 12.20 4.82
N ASP A 251 10.25 12.39 4.47
CA ASP A 251 9.87 12.39 3.06
C ASP A 251 10.50 13.56 2.31
N ILE A 252 10.90 13.34 1.06
CA ILE A 252 11.35 14.43 0.21
C ILE A 252 10.71 14.36 -1.17
N SER A 253 10.76 15.47 -1.86
CA SER A 253 10.47 15.53 -3.28
C SER A 253 11.83 15.63 -3.96
N PHE A 254 12.10 14.82 -4.98
CA PHE A 254 13.44 14.80 -5.57
C PHE A 254 13.84 16.16 -6.15
N TYR A 255 12.95 16.81 -6.89
CA TYR A 255 13.34 18.07 -7.53
C TYR A 255 13.62 19.11 -6.45
N GLU A 256 12.83 19.08 -5.39
CA GLU A 256 12.94 20.07 -4.32
C GLU A 256 14.25 19.90 -3.57
N ALA A 257 14.57 18.65 -3.24
CA ALA A 257 15.81 18.33 -2.54
C ALA A 257 17.02 18.65 -3.41
N LEU A 258 16.95 18.29 -4.68
CA LEU A 258 18.09 18.47 -5.57
C LEU A 258 18.45 19.95 -5.69
N GLU A 259 17.44 20.81 -5.83
CA GLU A 259 17.74 22.21 -6.11
C GLU A 259 17.98 23.03 -4.84
N SER A 260 17.44 22.62 -3.70
CA SER A 260 17.42 23.50 -2.53
C SER A 260 18.12 22.96 -1.28
N ASP A 261 18.54 21.70 -1.31
CA ASP A 261 19.18 21.11 -0.14
C ASP A 261 20.66 20.91 -0.41
N PRO A 262 21.53 21.59 0.37
CA PRO A 262 22.98 21.53 0.15
C PRO A 262 23.55 20.11 0.24
N LEU A 263 22.77 19.18 0.79
CA LEU A 263 23.14 17.76 0.81
C LEU A 263 23.47 17.26 -0.60
N HIS A 264 22.79 17.79 -1.60
CA HIS A 264 22.96 17.31 -2.97
C HIS A 264 23.71 18.31 -3.84
N LYS A 265 24.52 19.17 -3.21
CA LYS A 265 25.17 20.26 -3.91
C LYS A 265 26.12 19.74 -4.99
N GLU A 266 26.82 18.65 -4.70
CA GLU A 266 27.82 18.10 -5.61
C GLU A 266 27.17 17.51 -6.85
N LEU A 267 26.01 16.88 -6.66
CA LEU A 267 25.25 16.33 -7.76
C LEU A 267 24.66 17.45 -8.61
N LEU A 268 24.17 18.49 -7.93
CA LEU A 268 23.59 19.62 -8.63
C LEU A 268 24.64 20.29 -9.51
N GLU A 269 25.86 20.41 -9.00
CA GLU A 269 26.97 21.00 -9.75
C GLU A 269 27.33 20.20 -11.01
N LYS A 270 27.16 18.88 -10.95
CA LYS A 270 27.39 18.07 -12.12
C LYS A 270 26.30 18.31 -13.16
N LEU A 271 25.10 18.57 -12.69
CA LEU A 271 23.94 18.63 -13.57
C LEU A 271 23.78 20.00 -14.23
N VAL A 272 24.19 21.06 -13.54
CA VAL A 272 24.10 22.41 -14.10
C VAL A 272 24.96 22.57 -15.36
N LEU A 273 25.95 21.69 -15.52
CA LEU A 273 26.73 21.65 -16.76
C LEU A 273 25.89 21.14 -17.93
N TYR A 274 24.71 20.59 -17.63
CA TYR A 274 23.80 20.06 -18.65
C TYR A 274 22.40 20.65 -18.52
N PRO A 275 22.23 21.93 -18.90
CA PRO A 275 20.99 22.71 -18.76
C PRO A 275 19.71 21.98 -19.17
N SER A 276 19.73 21.28 -20.30
CA SER A 276 18.54 20.63 -20.83
C SER A 276 18.13 19.42 -19.99
N ALA A 277 19.10 18.63 -19.56
CA ALA A 277 18.81 17.47 -18.71
C ALA A 277 18.33 17.94 -17.35
N GLN A 278 18.97 18.99 -16.84
CA GLN A 278 18.60 19.53 -15.55
C GLN A 278 17.14 19.99 -15.54
N GLU A 279 16.72 20.64 -16.60
CA GLU A 279 15.35 21.12 -16.72
C GLU A 279 14.38 19.96 -16.63
N LYS A 280 14.66 18.90 -17.38
CA LYS A 280 13.81 17.72 -17.39
C LYS A 280 13.72 17.04 -16.03
N VAL A 281 14.84 17.01 -15.29
CA VAL A 281 14.85 16.39 -13.96
C VAL A 281 14.01 17.22 -12.98
N LEU A 282 14.18 18.54 -13.03
CA LEU A 282 13.54 19.39 -12.02
C LEU A 282 12.05 19.58 -12.30
N GLN A 283 11.58 19.09 -13.45
CA GLN A 283 10.18 19.16 -13.81
C GLN A 283 9.39 17.95 -13.31
N ARG A 284 10.09 16.96 -12.77
CA ARG A 284 9.45 15.73 -12.32
C ARG A 284 8.93 15.87 -10.90
N SER A 285 7.83 15.19 -10.60
CA SER A 285 7.21 15.37 -9.29
C SER A 285 7.33 14.13 -8.41
N SER A 286 8.17 13.17 -8.81
CA SER A 286 8.38 11.97 -8.00
C SER A 286 8.85 12.31 -6.59
N VAL A 287 8.40 11.51 -5.63
CA VAL A 287 8.72 11.73 -4.23
C VAL A 287 9.30 10.47 -3.60
N LEU A 288 9.81 10.66 -2.40
CA LEU A 288 10.41 9.59 -1.63
C LEU A 288 9.86 9.60 -0.22
N GLN A 289 9.24 8.50 0.17
CA GLN A 289 8.75 8.33 1.51
C GLN A 289 9.88 7.72 2.34
N VAL A 290 10.15 8.28 3.52
CA VAL A 290 11.14 7.68 4.41
C VAL A 290 10.58 7.63 5.84
N SER A 291 10.49 6.42 6.39
CA SER A 291 9.93 6.24 7.72
C SER A 291 10.90 5.47 8.58
N VAL A 292 11.34 6.04 9.70
CA VAL A 292 12.17 5.29 10.63
C VAL A 292 11.31 4.65 11.69
N LEU A 293 11.41 3.32 11.79
CA LEU A 293 10.60 2.52 12.68
C LEU A 293 11.40 2.01 13.86
N GLN A 294 10.79 2.09 15.03
CA GLN A 294 11.36 1.58 16.26
C GLN A 294 10.79 0.20 16.58
N SER A 295 11.64 -0.80 16.79
CA SER A 295 11.15 -2.08 17.26
C SER A 295 10.52 -1.98 18.64
N THR A 296 9.34 -2.56 18.78
CA THR A 296 8.67 -2.62 20.08
C THR A 296 9.20 -3.77 20.93
N LYS A 297 10.04 -4.61 20.33
CA LYS A 297 10.54 -5.81 21.01
C LYS A 297 11.96 -5.60 21.56
N ASP A 298 12.75 -4.81 20.85
CA ASP A 298 14.15 -4.58 21.18
C ASP A 298 14.46 -3.10 21.09
N SER A 299 14.72 -2.44 22.21
CA SER A 299 14.92 -0.98 22.21
C SER A 299 16.11 -0.55 21.36
N SER A 300 17.02 -1.47 21.09
CA SER A 300 18.22 -1.10 20.34
C SER A 300 18.03 -1.18 18.83
N LYS A 301 16.90 -1.73 18.38
CA LYS A 301 16.70 -1.93 16.93
C LYS A 301 15.79 -0.89 16.31
N ARG A 302 16.32 -0.16 15.32
CA ARG A 302 15.53 0.74 14.49
C ARG A 302 15.81 0.41 13.03
N ILE A 303 14.85 0.65 12.14
CA ILE A 303 15.06 0.40 10.71
C ILE A 303 14.59 1.59 9.87
N CYS A 304 15.28 1.84 8.77
CA CYS A 304 14.94 2.96 7.89
C CYS A 304 14.22 2.40 6.67
N VAL A 305 12.92 2.68 6.56
CA VAL A 305 12.12 2.13 5.47
C VAL A 305 11.79 3.23 4.45
N ALA A 306 12.33 3.05 3.25
CA ALA A 306 12.11 4.03 2.17
C ALA A 306 11.22 3.42 1.12
N ASN A 307 10.46 4.27 0.42
CA ASN A 307 9.48 3.82 -0.56
C ASN A 307 9.43 4.85 -1.65
N THR A 308 9.45 4.42 -2.91
CA THR A 308 9.34 5.40 -3.98
C THR A 308 8.66 4.86 -5.24
N HIS A 309 8.34 5.79 -6.12
CA HIS A 309 7.86 5.47 -7.47
C HIS A 309 8.59 6.41 -8.39
N LEU A 310 9.53 5.89 -9.17
CA LEU A 310 10.40 6.77 -9.96
C LEU A 310 9.73 7.12 -11.27
N TYR A 311 10.32 8.07 -11.97
CA TYR A 311 9.81 8.54 -13.26
C TYR A 311 9.57 7.38 -14.21
N TRP A 312 8.45 7.42 -14.92
CA TRP A 312 7.92 6.28 -15.66
C TRP A 312 8.40 6.13 -17.10
N HIS A 313 8.79 7.23 -17.75
CA HIS A 313 9.00 7.19 -19.20
C HIS A 313 10.14 6.25 -19.61
N PRO A 314 9.91 5.42 -20.66
CA PRO A 314 10.89 4.46 -21.16
C PRO A 314 12.23 5.09 -21.55
N LYS A 315 12.22 6.36 -21.93
CA LYS A 315 13.45 7.04 -22.29
C LYS A 315 14.04 7.81 -21.10
N GLY A 316 13.45 7.64 -19.93
CA GLY A 316 13.84 8.42 -18.77
C GLY A 316 14.95 7.82 -17.93
N GLY A 317 15.78 6.98 -18.54
CA GLY A 317 16.90 6.38 -17.83
C GLY A 317 17.81 7.33 -17.07
N TYR A 318 18.16 8.47 -17.67
CA TYR A 318 19.09 9.37 -16.96
C TYR A 318 18.39 10.04 -15.81
N ILE A 319 17.10 10.27 -15.97
CA ILE A 319 16.29 10.91 -14.93
C ILE A 319 16.19 9.99 -13.72
N ARG A 320 15.95 8.71 -13.97
CA ARG A 320 15.87 7.74 -12.86
C ARG A 320 17.22 7.58 -12.17
N LEU A 321 18.31 7.67 -12.92
CA LEU A 321 19.64 7.67 -12.30
C LEU A 321 19.80 8.82 -11.31
N ILE A 322 19.42 10.02 -11.74
CA ILE A 322 19.60 11.20 -10.90
C ILE A 322 18.63 11.14 -9.72
N GLN A 323 17.42 10.66 -9.95
CA GLN A 323 16.46 10.52 -8.85
C GLN A 323 16.98 9.52 -7.82
N MET A 324 17.58 8.41 -8.26
CA MET A 324 18.08 7.42 -7.30
C MET A 324 19.32 7.93 -6.56
N ALA A 325 20.13 8.74 -7.24
CA ALA A 325 21.29 9.34 -6.59
C ALA A 325 20.84 10.27 -5.45
N VAL A 326 19.81 11.06 -5.71
CA VAL A 326 19.24 11.91 -4.68
C VAL A 326 18.64 11.06 -3.53
N ALA A 327 17.88 10.03 -3.89
CA ALA A 327 17.29 9.15 -2.88
C ALA A 327 18.34 8.54 -1.96
N LEU A 328 19.41 8.00 -2.54
CA LEU A 328 20.39 7.28 -1.74
C LEU A 328 21.24 8.22 -0.87
N ALA A 329 21.51 9.42 -1.37
CA ALA A 329 22.22 10.43 -0.58
C ALA A 329 21.34 10.87 0.59
N HIS A 330 20.06 11.06 0.32
CA HIS A 330 19.13 11.42 1.38
C HIS A 330 19.01 10.30 2.41
N ILE A 331 18.91 9.07 1.95
CA ILE A 331 18.77 7.94 2.87
C ILE A 331 20.03 7.74 3.69
N ARG A 332 21.20 8.01 3.09
CA ARG A 332 22.45 7.95 3.84
C ARG A 332 22.40 8.95 4.98
N HIS A 333 21.98 10.17 4.67
CA HIS A 333 21.87 11.22 5.68
C HIS A 333 20.97 10.79 6.84
N VAL A 334 19.78 10.31 6.53
CA VAL A 334 18.86 9.87 7.59
C VAL A 334 19.43 8.69 8.39
N SER A 335 19.91 7.66 7.68
CA SER A 335 20.25 6.40 8.34
C SER A 335 21.63 6.42 8.98
N CYS A 336 22.50 7.36 8.57
CA CYS A 336 23.88 7.39 9.08
C CYS A 336 24.27 8.69 9.79
N ASP A 337 23.54 9.77 9.54
CA ASP A 337 23.80 11.04 10.23
C ASP A 337 22.76 11.28 11.32
N LEU A 338 21.48 11.26 10.96
CA LEU A 338 20.44 11.54 11.95
C LEU A 338 20.29 10.39 12.93
N TYR A 339 20.63 9.20 12.44
CA TYR A 339 20.71 8.00 13.27
C TYR A 339 22.06 7.37 12.99
N PRO A 340 22.65 6.71 13.98
CA PRO A 340 24.03 6.23 13.83
C PRO A 340 24.18 4.89 13.09
N GLY A 341 23.73 4.82 11.84
CA GLY A 341 23.95 3.66 11.02
C GLY A 341 22.95 2.54 11.21
N ILE A 342 21.68 2.83 10.97
CA ILE A 342 20.62 1.83 11.11
C ILE A 342 20.35 1.13 9.77
N PRO A 343 19.83 -0.11 9.79
CA PRO A 343 19.61 -0.86 8.54
C PRO A 343 18.59 -0.18 7.63
N VAL A 344 18.76 -0.33 6.33
CA VAL A 344 17.88 0.29 5.35
C VAL A 344 17.12 -0.78 4.54
N ILE A 345 15.81 -0.60 4.42
CA ILE A 345 14.97 -1.32 3.47
C ILE A 345 14.42 -0.29 2.50
N PHE A 346 14.63 -0.50 1.19
CA PHE A 346 14.20 0.51 0.23
C PHE A 346 13.33 -0.14 -0.82
N CYS A 347 12.01 0.01 -0.64
CA CYS A 347 10.99 -0.56 -1.52
C CYS A 347 10.68 0.40 -2.65
N GLY A 348 10.20 -0.13 -3.77
CA GLY A 348 9.65 0.78 -4.74
C GLY A 348 9.33 0.18 -6.09
N ASP A 349 8.58 0.95 -6.87
CA ASP A 349 8.49 0.73 -8.30
C ASP A 349 9.52 1.66 -8.92
N PHE A 350 10.63 1.08 -9.36
CA PHE A 350 11.77 1.89 -9.80
C PHE A 350 11.72 2.12 -11.31
N ASN A 351 10.75 1.51 -11.96
CA ASN A 351 10.57 1.67 -13.41
C ASN A 351 11.88 1.41 -14.14
N SER A 352 12.67 0.47 -13.62
CA SER A 352 14.00 0.15 -14.14
C SER A 352 14.23 -1.36 -14.12
N THR A 353 14.55 -1.92 -15.28
CA THR A 353 14.89 -3.33 -15.37
C THR A 353 16.34 -3.56 -14.92
N PRO A 354 16.70 -4.83 -14.65
CA PRO A 354 18.07 -5.10 -14.15
C PRO A 354 19.20 -4.73 -15.12
N SER A 355 18.90 -4.45 -16.39
CA SER A 355 19.98 -4.12 -17.31
C SER A 355 20.23 -2.61 -17.40
N THR A 356 19.53 -1.83 -16.59
CA THR A 356 19.61 -0.37 -16.69
C THR A 356 20.82 0.19 -15.95
N GLY A 357 21.16 1.43 -16.30
CA GLY A 357 22.15 2.18 -15.56
C GLY A 357 21.74 2.36 -14.10
N MET A 358 20.47 2.66 -13.86
CA MET A 358 20.02 2.89 -12.47
C MET A 358 20.29 1.62 -11.66
N TYR A 359 19.92 0.48 -12.21
CA TYR A 359 20.11 -0.77 -11.47
C TYR A 359 21.60 -1.04 -11.23
N HIS A 360 22.41 -0.85 -12.27
CA HIS A 360 23.85 -1.00 -12.14
C HIS A 360 24.40 -0.17 -10.99
N PHE A 361 23.99 1.11 -10.96
CA PHE A 361 24.39 2.03 -9.90
C PHE A 361 24.00 1.52 -8.52
N VAL A 362 22.77 1.03 -8.38
CA VAL A 362 22.29 0.53 -7.08
C VAL A 362 23.15 -0.65 -6.58
N ILE A 363 23.36 -1.65 -7.42
CA ILE A 363 24.00 -2.87 -6.91
C ILE A 363 25.53 -2.85 -6.94
N ASN A 364 26.12 -1.82 -7.56
CA ASN A 364 27.58 -1.72 -7.62
C ASN A 364 28.13 -0.56 -6.80
N GLY A 365 27.27 0.41 -6.48
CA GLY A 365 27.70 1.54 -5.68
C GLY A 365 28.39 2.61 -6.51
N SER A 366 28.37 2.44 -7.83
CA SER A 366 28.98 3.42 -8.72
C SER A 366 28.44 3.23 -10.11
N ILE A 367 28.60 4.25 -10.95
CA ILE A 367 28.32 4.12 -12.37
C ILE A 367 29.28 5.06 -13.14
N PRO A 368 29.84 4.56 -14.25
CA PRO A 368 30.81 5.38 -14.97
C PRO A 368 30.15 6.45 -15.85
N GLU A 369 30.89 7.50 -16.15
CA GLU A 369 30.35 8.61 -16.92
C GLU A 369 30.02 8.17 -18.36
N ASP A 370 30.54 7.03 -18.79
CA ASP A 370 30.31 6.60 -20.17
C ASP A 370 29.15 5.60 -20.33
N HIS A 371 28.36 5.37 -19.28
CA HIS A 371 27.21 4.48 -19.40
C HIS A 371 26.22 5.04 -20.40
N GLU A 372 25.59 4.17 -21.17
CA GLU A 372 24.70 4.61 -22.25
C GLU A 372 23.43 5.31 -21.77
N ASP A 373 23.02 5.06 -20.53
CA ASP A 373 21.80 5.71 -20.01
C ASP A 373 21.95 7.22 -19.82
N TRP A 374 23.18 7.69 -19.81
CA TRP A 374 23.41 9.13 -19.73
C TRP A 374 22.98 9.85 -21.01
N ALA A 375 22.60 9.10 -22.05
CA ALA A 375 21.96 9.68 -23.21
C ALA A 375 20.70 8.89 -23.57
N SER A 376 19.98 8.44 -22.54
CA SER A 376 18.80 7.61 -22.75
C SER A 376 17.71 8.29 -23.59
N ASN A 377 17.67 9.62 -23.57
CA ASN A 377 16.69 10.32 -24.37
C ASN A 377 17.34 11.21 -25.44
N GLY A 378 18.52 10.81 -25.90
CA GLY A 378 19.16 11.49 -27.01
C GLY A 378 20.19 12.52 -26.58
N GLU A 379 20.85 13.11 -27.57
CA GLU A 379 22.02 13.95 -27.34
C GLU A 379 21.76 15.25 -26.60
N GLU A 380 20.64 15.92 -26.89
CA GLU A 380 20.42 17.23 -26.31
C GLU A 380 20.20 17.15 -24.79
N GLU A 381 19.63 16.03 -24.33
CA GLU A 381 19.40 15.83 -22.90
C GLU A 381 20.46 14.91 -22.28
N ARG A 382 21.55 14.70 -23.01
CA ARG A 382 22.70 13.96 -22.50
C ARG A 382 23.30 14.61 -21.25
N CYS A 383 23.68 13.80 -20.26
CA CYS A 383 24.26 14.32 -19.02
C CYS A 383 25.27 13.38 -18.37
N ASN A 384 26.26 12.95 -19.14
CA ASN A 384 27.30 12.04 -18.63
C ASN A 384 27.97 12.48 -17.35
N MET A 385 27.94 11.62 -16.34
CA MET A 385 28.57 11.90 -15.07
C MET A 385 28.88 10.60 -14.36
N SER A 386 29.85 10.62 -13.47
CA SER A 386 30.12 9.47 -12.62
C SER A 386 29.50 9.69 -11.25
N LEU A 387 28.77 8.70 -10.77
CA LEU A 387 28.15 8.77 -9.45
C LEU A 387 28.66 7.64 -8.58
N THR A 388 28.65 7.86 -7.26
CA THR A 388 28.91 6.79 -6.31
C THR A 388 27.92 6.90 -5.15
N HIS A 389 27.66 5.78 -4.50
CA HIS A 389 26.93 5.84 -3.24
C HIS A 389 27.53 4.87 -2.26
N PHE A 390 27.05 4.99 -1.02
CA PHE A 390 27.67 4.46 0.17
C PHE A 390 27.28 3.00 0.49
N PHE A 391 26.15 2.55 -0.06
CA PHE A 391 25.50 1.32 0.38
C PHE A 391 25.92 0.06 -0.36
N LYS A 392 25.92 -1.05 0.38
CA LYS A 392 25.96 -2.38 -0.21
C LYS A 392 24.53 -2.92 -0.23
N LEU A 393 23.92 -2.91 -1.42
CA LEU A 393 22.51 -3.22 -1.57
C LEU A 393 22.29 -4.44 -2.44
N LYS A 394 21.30 -5.24 -2.08
CA LYS A 394 20.86 -6.31 -2.96
C LYS A 394 19.35 -6.35 -2.98
N SER A 395 18.81 -6.90 -4.06
CA SER A 395 17.38 -7.07 -4.21
C SER A 395 16.95 -8.31 -3.44
N ALA A 396 16.10 -8.13 -2.43
CA ALA A 396 15.75 -9.25 -1.55
C ALA A 396 14.99 -10.35 -2.28
N CYS A 397 14.18 -9.98 -3.27
CA CYS A 397 13.42 -10.96 -4.04
C CYS A 397 14.10 -11.28 -5.36
N GLY A 398 15.35 -10.84 -5.47
CA GLY A 398 16.15 -11.08 -6.67
C GLY A 398 15.63 -10.34 -7.89
N GLU A 399 15.76 -10.98 -9.05
CA GLU A 399 15.33 -10.39 -10.31
C GLU A 399 14.37 -11.32 -11.02
N PRO A 400 13.10 -11.32 -10.60
CA PRO A 400 12.06 -12.13 -11.24
C PRO A 400 12.01 -11.90 -12.73
N ALA A 401 11.48 -12.86 -13.48
CA ALA A 401 11.29 -12.67 -14.92
C ALA A 401 10.56 -11.34 -15.17
N TYR A 402 9.56 -11.05 -14.36
CA TYR A 402 8.87 -9.76 -14.43
C TYR A 402 8.12 -9.49 -13.14
N THR A 403 7.86 -8.22 -12.87
CA THR A 403 6.99 -7.82 -11.76
C THR A 403 5.80 -7.00 -12.25
N ASN A 404 5.83 -6.69 -13.54
CA ASN A 404 4.81 -5.92 -14.22
C ASN A 404 4.51 -6.68 -15.51
N TYR A 405 3.26 -7.06 -15.75
CA TYR A 405 2.96 -7.89 -16.91
C TYR A 405 1.67 -7.45 -17.59
N VAL A 406 1.78 -6.63 -18.65
CA VAL A 406 0.59 -6.16 -19.34
C VAL A 406 0.67 -6.65 -20.78
N GLY A 407 -0.42 -6.46 -21.52
CA GLY A 407 -0.50 -6.97 -22.87
C GLY A 407 0.66 -6.50 -23.73
N GLY A 408 1.06 -5.24 -23.57
CA GLY A 408 2.07 -4.65 -24.44
C GLY A 408 3.47 -4.54 -23.86
N PHE A 409 3.66 -5.04 -22.63
CA PHE A 409 4.94 -4.90 -21.97
C PHE A 409 5.03 -5.80 -20.76
N HIS A 410 6.21 -6.35 -20.52
CA HIS A 410 6.50 -6.90 -19.20
C HIS A 410 7.96 -6.70 -18.85
N GLY A 411 8.22 -6.71 -17.55
CA GLY A 411 9.57 -6.48 -17.08
C GLY A 411 9.61 -6.48 -15.57
N CYS A 412 10.82 -6.60 -15.07
CA CYS A 412 11.10 -6.52 -13.64
C CYS A 412 11.36 -5.06 -13.30
N LEU A 413 10.41 -4.41 -12.64
CA LEU A 413 10.49 -2.96 -12.37
C LEU A 413 10.53 -2.64 -10.89
N ASP A 414 10.15 -3.63 -10.08
CA ASP A 414 9.94 -3.47 -8.64
C ASP A 414 10.99 -4.20 -7.84
N TYR A 415 11.46 -3.59 -6.75
CA TYR A 415 12.47 -4.25 -5.90
C TYR A 415 12.25 -3.94 -4.44
N ILE A 416 12.68 -4.86 -3.58
CA ILE A 416 12.88 -4.55 -2.18
C ILE A 416 14.38 -4.58 -1.94
N PHE A 417 15.01 -3.41 -1.96
CA PHE A 417 16.46 -3.35 -1.78
C PHE A 417 16.80 -3.38 -0.30
N ILE A 418 17.81 -4.15 0.07
CA ILE A 418 18.22 -4.21 1.48
C ILE A 418 19.72 -4.00 1.64
N ASP A 419 20.09 -3.40 2.77
CA ASP A 419 21.49 -3.29 3.19
C ASP A 419 21.98 -4.68 3.56
N LEU A 420 22.83 -5.26 2.71
CA LEU A 420 23.21 -6.65 2.89
C LEU A 420 24.19 -6.84 4.03
N ASN A 421 24.77 -5.76 4.54
CA ASN A 421 25.62 -5.88 5.72
C ASN A 421 24.78 -6.02 7.00
N ALA A 422 23.52 -5.61 6.93
CA ALA A 422 22.70 -5.53 8.15
C ALA A 422 21.49 -6.47 8.15
N LEU A 423 21.06 -6.88 6.97
CA LEU A 423 19.84 -7.68 6.84
C LEU A 423 20.09 -8.86 5.92
N GLU A 424 19.40 -9.96 6.16
CA GLU A 424 19.45 -11.08 5.22
C GLU A 424 18.06 -11.59 4.92
N VAL A 425 17.93 -12.40 3.88
CA VAL A 425 16.61 -12.91 3.50
C VAL A 425 16.33 -14.29 4.06
N GLU A 426 15.27 -14.41 4.85
CA GLU A 426 14.89 -15.71 5.39
C GLU A 426 14.11 -16.52 4.36
N GLN A 427 13.15 -15.90 3.70
CA GLN A 427 12.46 -16.57 2.62
C GLN A 427 11.84 -15.57 1.67
N VAL A 428 11.71 -15.97 0.41
CA VAL A 428 10.98 -15.18 -0.55
C VAL A 428 9.68 -15.92 -0.82
N ILE A 429 8.57 -15.19 -0.76
CA ILE A 429 7.27 -15.77 -1.07
C ILE A 429 7.14 -15.80 -2.60
N PRO A 430 7.03 -17.01 -3.18
CA PRO A 430 7.12 -17.18 -4.64
C PRO A 430 6.07 -16.37 -5.39
N LEU A 431 6.51 -15.73 -6.48
CA LEU A 431 5.60 -15.05 -7.38
C LEU A 431 4.70 -16.08 -8.07
N PRO A 432 3.52 -15.66 -8.54
CA PRO A 432 2.66 -16.61 -9.27
C PRO A 432 3.40 -17.16 -10.49
N SER A 433 3.08 -18.38 -10.91
CA SER A 433 3.74 -18.94 -12.08
C SER A 433 3.36 -18.17 -13.35
N HIS A 434 4.13 -18.34 -14.40
CA HIS A 434 3.81 -17.70 -15.67
C HIS A 434 2.43 -18.16 -16.17
N GLU A 435 2.13 -19.44 -15.99
CA GLU A 435 0.83 -19.95 -16.44
C GLU A 435 -0.30 -19.30 -15.65
N GLU A 436 -0.09 -19.02 -14.37
CA GLU A 436 -1.10 -18.27 -13.61
C GLU A 436 -1.28 -16.86 -14.16
N VAL A 437 -0.16 -16.19 -14.43
CA VAL A 437 -0.20 -14.82 -14.87
C VAL A 437 -0.85 -14.68 -16.26
N THR A 438 -0.73 -15.71 -17.09
CA THR A 438 -1.24 -15.59 -18.46
C THR A 438 -2.61 -16.27 -18.67
N THR A 439 -3.23 -16.72 -17.59
CA THR A 439 -4.53 -17.40 -17.70
C THR A 439 -5.56 -16.52 -18.42
N HIS A 440 -5.52 -15.21 -18.13
CA HIS A 440 -6.40 -14.25 -18.80
C HIS A 440 -5.58 -13.27 -19.62
N GLN A 441 -4.62 -13.85 -20.34
CA GLN A 441 -3.65 -13.16 -21.21
C GLN A 441 -2.60 -12.34 -20.45
N ALA A 442 -3.03 -11.37 -19.66
CA ALA A 442 -2.09 -10.56 -18.88
C ALA A 442 -2.79 -9.95 -17.69
N LEU A 443 -2.15 -8.97 -17.05
CA LEU A 443 -2.68 -8.37 -15.83
C LEU A 443 -3.16 -6.94 -16.06
N PRO A 444 -4.10 -6.46 -15.24
CA PRO A 444 -4.84 -7.17 -14.19
C PRO A 444 -5.84 -8.17 -14.77
N SER A 445 -6.49 -8.92 -13.90
CA SER A 445 -7.44 -9.94 -14.33
C SER A 445 -8.48 -10.13 -13.26
N VAL A 446 -9.46 -10.99 -13.52
CA VAL A 446 -10.41 -11.35 -12.50
C VAL A 446 -9.75 -11.99 -11.28
N SER A 447 -8.51 -12.45 -11.46
CA SER A 447 -7.80 -13.18 -10.42
C SER A 447 -6.63 -12.41 -9.84
N HIS A 448 -6.40 -11.21 -10.36
CA HIS A 448 -5.20 -10.44 -9.97
C HIS A 448 -5.46 -8.94 -10.11
N PRO A 449 -5.40 -8.19 -8.99
CA PRO A 449 -5.98 -6.83 -8.93
C PRO A 449 -5.07 -5.66 -9.33
N SER A 450 -3.90 -5.93 -9.93
CA SER A 450 -2.99 -4.88 -10.38
C SER A 450 -2.31 -5.32 -11.66
N ASP A 451 -1.62 -4.41 -12.33
CA ASP A 451 -0.77 -4.84 -13.45
C ASP A 451 0.65 -5.17 -12.96
N HIS A 452 0.88 -4.97 -11.66
CA HIS A 452 2.13 -5.45 -11.03
C HIS A 452 1.85 -6.63 -10.11
N ILE A 453 2.92 -7.32 -9.72
CA ILE A 453 2.86 -8.42 -8.79
C ILE A 453 3.50 -8.00 -7.47
N ALA A 454 2.86 -8.31 -6.35
CA ALA A 454 3.42 -7.94 -5.06
C ALA A 454 4.69 -8.71 -4.77
N LEU A 455 5.72 -8.01 -4.29
CA LEU A 455 6.91 -8.67 -3.77
C LEU A 455 6.71 -8.89 -2.28
N VAL A 456 6.98 -10.09 -1.80
CA VAL A 456 6.83 -10.38 -0.37
C VAL A 456 8.01 -11.20 0.10
N CYS A 457 8.69 -10.76 1.16
CA CYS A 457 9.78 -11.56 1.66
C CYS A 457 9.88 -11.44 3.17
N ASP A 458 10.50 -12.42 3.80
CA ASP A 458 10.76 -12.35 5.22
C ASP A 458 12.23 -12.02 5.41
N LEU A 459 12.51 -10.90 6.08
CA LEU A 459 13.86 -10.46 6.34
C LEU A 459 14.23 -10.75 7.79
N LYS A 460 15.53 -10.87 8.04
CA LYS A 460 16.04 -11.11 9.39
C LYS A 460 17.23 -10.17 9.64
N TRP A 461 17.45 -9.75 10.89
CA TRP A 461 18.66 -9.01 11.22
C TRP A 461 19.87 -9.91 11.19
N LYS A 462 20.98 -9.40 10.64
CA LYS A 462 22.24 -10.13 10.67
C LYS A 462 22.96 -9.85 11.98
MG MG B . 1.29 2.00 -13.32
MG MG C . 5.51 2.28 -12.99
#